data_1JP3
#
_entry.id   1JP3
#
_cell.length_a   64.180
_cell.length_b   67.334
_cell.length_c   110.145
_cell.angle_alpha   90.00
_cell.angle_beta   90.00
_cell.angle_gamma   90.00
#
_symmetry.space_group_name_H-M   'P 21 21 21'
#
loop_
_entity.id
_entity.type
_entity.pdbx_description
1 polymer 'undecaprenyl pyrophosphate synthase'
2 non-polymer '2-(2-{2-[2-(2-{2-[2-(2-{2-[4-(1,1,3,3-TETRAMETHYL-BUTYL)-PHENOXY]-ETHOXY}-ETHOXY)-ETHOXY]-ETHOXY}-ETHOXY)-ETHOXY]-ETHOX Y}-ETHOXY)-ETHANOL'
3 water water
#
_entity_poly.entity_id   1
_entity_poly.type   'polypeptide(L)'
_entity_poly.pdbx_seq_one_letter_code
;MMLSATQPLSEKLPAHGCRHVAII(MSE)DGNGRWAKKQGKIRAFGHKAGAKSVRRAVSFAANNGIEALTLYAFSSENWN
RPAQEVSAL(MSE)ELFVWALDSEVKSLHRHNVRLRIIGDTSRFNSRLQERIRKSEALTAGNTGLTLNIAANYGGRWDIV
QGVRQLAEKVQQGNLQPDQIDEE(MSE)LNQHVC(MSE)HELAPVDLVIRTGGEHRISNFLLWQIAYAELYFTDVLWPDF
DEQDFEGALNAFANRERRFGGTEPGDETA
;
_entity_poly.pdbx_strand_id   A,B
#
loop_
_chem_comp.id
_chem_comp.type
_chem_comp.name
_chem_comp.formula
EGC non-polymer '2-(2-{2-[2-(2-{2-[2-(2-{2-[4-(1,1,3,3-TETRAMETHYL-BUTYL)-PHENOXY]-ETHOXY}-ETHOXY)-ETHOXY]-ETHOXY}-ETHOXY)-ETHOXY]-ETHOX Y}-ETHOXY)-ETHANOL' 'C32 H58 O10'
#
# COMPACT_ATOMS: atom_id res chain seq x y z
N LEU A 13 2.39 2.73 23.43
CA LEU A 13 2.88 2.54 24.81
C LEU A 13 3.07 1.05 25.11
N PRO A 14 2.12 0.18 24.68
CA PRO A 14 2.27 -1.26 24.94
C PRO A 14 3.63 -1.82 24.56
N ALA A 15 4.05 -2.89 25.25
CA ALA A 15 5.35 -3.48 25.00
C ALA A 15 5.68 -3.80 23.55
N HIS A 16 4.70 -4.31 22.79
CA HIS A 16 4.98 -4.66 21.41
C HIS A 16 5.19 -3.40 20.57
N GLY A 17 4.70 -2.27 21.06
CA GLY A 17 4.92 -1.02 20.36
C GLY A 17 3.91 -0.62 19.29
N CYS A 18 2.88 -1.41 19.05
CA CYS A 18 1.95 -0.94 18.05
C CYS A 18 0.59 -0.60 18.63
N ARG A 19 -0.03 0.41 18.04
CA ARG A 19 -1.30 0.93 18.52
C ARG A 19 -2.54 0.53 17.70
N HIS A 20 -2.30 0.14 16.45
CA HIS A 20 -3.42 -0.12 15.55
C HIS A 20 -3.05 -1.19 14.59
N VAL A 21 -3.78 -2.29 14.69
CA VAL A 21 -3.53 -3.45 13.82
C VAL A 21 -4.67 -3.63 12.84
N ALA A 22 -4.35 -3.94 11.58
CA ALA A 22 -5.40 -4.17 10.58
C ALA A 22 -5.22 -5.59 10.11
N ILE A 23 -6.32 -6.31 9.90
CA ILE A 23 -6.19 -7.67 9.48
C ILE A 23 -7.04 -7.99 8.24
N ILE A 24 -6.41 -8.65 7.27
CA ILE A 24 -7.11 -9.14 6.10
C ILE A 24 -7.37 -10.61 6.47
N MSE A 25 -8.62 -10.90 6.79
CA MSE A 25 -9.01 -12.22 7.19
C MSE A 25 -9.28 -13.03 5.93
O MSE A 25 -10.25 -12.74 5.20
CB MSE A 25 -10.24 -12.12 8.08
CG MSE A 25 -10.07 -11.10 9.20
SE MSE A 25 -11.74 -11.02 10.22
CE MSE A 25 -12.83 -10.09 8.97
N ASP A 26 -8.44 -14.02 5.65
CA ASP A 26 -8.63 -14.85 4.47
C ASP A 26 -8.40 -16.27 4.92
N GLY A 27 -9.02 -17.24 4.24
CA GLY A 27 -8.84 -18.64 4.62
C GLY A 27 -10.08 -19.36 5.14
N ASN A 28 -11.17 -18.63 5.35
CA ASN A 28 -12.39 -19.24 5.90
C ASN A 28 -12.86 -20.40 4.99
N GLY A 29 -12.95 -20.13 3.70
CA GLY A 29 -13.44 -21.17 2.78
C GLY A 29 -12.55 -22.39 2.70
N ARG A 30 -11.23 -22.14 2.59
CA ARG A 30 -10.28 -23.24 2.51
C ARG A 30 -10.27 -24.05 3.79
N TRP A 31 -10.44 -23.37 4.90
CA TRP A 31 -10.49 -24.04 6.19
C TRP A 31 -11.68 -25.01 6.23
N ALA A 32 -12.83 -24.57 5.73
CA ALA A 32 -14.01 -25.47 5.78
C ALA A 32 -13.82 -26.62 4.80
N LYS A 33 -13.28 -26.33 3.63
CA LYS A 33 -13.06 -27.36 2.62
C LYS A 33 -12.13 -28.46 3.15
N LYS A 34 -11.12 -28.08 3.94
CA LYS A 34 -10.20 -29.06 4.51
C LYS A 34 -10.95 -30.00 5.46
N GLN A 35 -11.96 -29.45 6.11
CA GLN A 35 -12.80 -30.19 7.05
C GLN A 35 -13.90 -30.97 6.33
N GLY A 36 -14.06 -30.73 5.03
CA GLY A 36 -15.10 -31.42 4.31
C GLY A 36 -16.44 -30.75 4.60
N LYS A 37 -16.37 -29.47 4.93
CA LYS A 37 -17.59 -28.73 5.25
C LYS A 37 -17.84 -27.58 4.29
N ILE A 38 -19.10 -27.13 4.22
CA ILE A 38 -19.45 -26.04 3.31
C ILE A 38 -18.86 -24.71 3.83
N ARG A 39 -18.77 -23.73 2.94
CA ARG A 39 -18.18 -22.44 3.32
C ARG A 39 -18.82 -21.73 4.51
N ALA A 40 -20.13 -21.85 4.69
CA ALA A 40 -20.78 -21.19 5.82
C ALA A 40 -20.19 -21.68 7.14
N PHE A 41 -19.75 -22.94 7.19
CA PHE A 41 -19.16 -23.42 8.42
C PHE A 41 -17.83 -22.70 8.69
N GLY A 42 -17.11 -22.39 7.62
CA GLY A 42 -15.85 -21.68 7.82
C GLY A 42 -16.09 -20.22 8.20
N HIS A 43 -17.16 -19.64 7.65
CA HIS A 43 -17.45 -18.27 8.01
C HIS A 43 -17.87 -18.18 9.46
N LYS A 44 -18.52 -19.23 9.98
CA LYS A 44 -18.88 -19.20 11.38
C LYS A 44 -17.63 -19.36 12.23
N ALA A 45 -16.73 -20.25 11.81
CA ALA A 45 -15.53 -20.44 12.56
C ALA A 45 -14.74 -19.14 12.50
N GLY A 46 -14.86 -18.43 11.37
CA GLY A 46 -14.19 -17.14 11.18
C GLY A 46 -14.73 -16.11 12.17
N ALA A 47 -16.04 -16.09 12.35
CA ALA A 47 -16.65 -15.15 13.31
C ALA A 47 -16.14 -15.44 14.73
N LYS A 48 -15.96 -16.70 15.06
CA LYS A 48 -15.43 -17.04 16.39
C LYS A 48 -13.99 -16.54 16.52
N SER A 49 -13.25 -16.64 15.42
CA SER A 49 -11.87 -16.18 15.42
C SER A 49 -11.81 -14.65 15.62
N VAL A 50 -12.80 -13.93 15.07
CA VAL A 50 -12.89 -12.50 15.23
C VAL A 50 -13.08 -12.16 16.71
N ARG A 51 -13.98 -12.86 17.40
CA ARG A 51 -14.19 -12.58 18.83
C ARG A 51 -12.91 -12.81 19.63
N ARG A 52 -12.16 -13.86 19.28
CA ARG A 52 -10.92 -14.19 19.97
C ARG A 52 -9.88 -13.10 19.71
N ALA A 53 -9.85 -12.59 18.49
CA ALA A 53 -8.90 -11.52 18.11
C ALA A 53 -9.21 -10.23 18.83
N VAL A 54 -10.51 -9.93 18.90
CA VAL A 54 -10.96 -8.71 19.56
C VAL A 54 -10.55 -8.76 21.05
N SER A 55 -10.77 -9.90 21.72
CA SER A 55 -10.39 -9.99 23.13
C SER A 55 -8.90 -9.91 23.32
N PHE A 56 -8.16 -10.53 22.41
CA PHE A 56 -6.70 -10.52 22.52
C PHE A 56 -6.20 -9.09 22.36
N ALA A 57 -6.72 -8.39 21.35
CA ALA A 57 -6.25 -7.04 21.10
C ALA A 57 -6.53 -6.14 22.30
N ALA A 58 -7.74 -6.24 22.84
CA ALA A 58 -8.11 -5.41 23.97
C ALA A 58 -7.25 -5.73 25.18
N ASN A 59 -6.99 -7.02 25.40
CA ASN A 59 -6.17 -7.43 26.54
C ASN A 59 -4.71 -7.09 26.39
N ASN A 60 -4.30 -6.78 25.17
CA ASN A 60 -2.91 -6.41 24.91
C ASN A 60 -2.67 -4.92 24.69
N GLY A 61 -3.62 -4.11 25.11
CA GLY A 61 -3.48 -2.67 25.00
C GLY A 61 -3.43 -2.06 23.61
N ILE A 62 -3.95 -2.78 22.64
CA ILE A 62 -4.01 -2.25 21.28
C ILE A 62 -5.18 -1.26 21.29
N GLU A 63 -4.98 -0.08 20.70
CA GLU A 63 -6.01 0.95 20.67
C GLU A 63 -7.12 0.70 19.63
N ALA A 64 -6.71 0.23 18.46
CA ALA A 64 -7.67 -0.01 17.39
C ALA A 64 -7.34 -1.26 16.63
N LEU A 65 -8.37 -1.95 16.16
CA LEU A 65 -8.25 -3.17 15.38
C LEU A 65 -9.20 -2.98 14.19
N THR A 66 -8.68 -3.13 12.98
CA THR A 66 -9.51 -2.93 11.78
C THR A 66 -9.50 -4.25 11.01
N LEU A 67 -10.70 -4.78 10.74
CA LEU A 67 -10.86 -6.08 10.10
C LEU A 67 -11.51 -5.99 8.73
N TYR A 68 -10.90 -6.68 7.79
CA TYR A 68 -11.33 -6.75 6.41
C TYR A 68 -11.57 -8.20 6.02
N ALA A 69 -12.80 -8.52 5.69
CA ALA A 69 -13.12 -9.86 5.29
C ALA A 69 -12.79 -9.98 3.79
N PHE A 70 -11.71 -10.71 3.48
CA PHE A 70 -11.33 -10.85 2.08
C PHE A 70 -12.22 -11.86 1.42
N SER A 71 -12.75 -11.48 0.26
CA SER A 71 -13.63 -12.36 -0.49
C SER A 71 -13.25 -12.38 -1.95
N MSE A 86 -22.74 -10.22 3.52
CA MSE A 86 -23.84 -9.26 3.80
C MSE A 86 -24.90 -9.90 4.70
O MSE A 86 -25.40 -9.27 5.64
CB MSE A 86 -24.50 -8.79 2.50
CG MSE A 86 -25.64 -7.79 2.69
SE MSE A 86 -25.11 -6.14 3.58
CE MSE A 86 -24.05 -5.35 2.17
N GLU A 87 -25.24 -11.15 4.41
CA GLU A 87 -26.24 -11.82 5.22
C GLU A 87 -25.77 -11.96 6.66
N LEU A 88 -24.70 -12.72 6.89
CA LEU A 88 -24.18 -12.90 8.24
C LEU A 88 -24.01 -11.53 8.90
N PHE A 89 -23.44 -10.59 8.15
CA PHE A 89 -23.22 -9.24 8.64
C PHE A 89 -24.54 -8.71 9.18
N VAL A 90 -25.56 -8.74 8.32
CA VAL A 90 -26.89 -8.29 8.66
C VAL A 90 -27.42 -9.01 9.89
N TRP A 91 -27.32 -10.34 9.87
CA TRP A 91 -27.81 -11.11 10.99
C TRP A 91 -27.02 -10.88 12.29
N ALA A 92 -25.72 -11.14 12.23
CA ALA A 92 -24.84 -10.99 13.39
C ALA A 92 -24.84 -9.61 14.02
N LEU A 93 -25.17 -8.58 13.25
CA LEU A 93 -25.15 -7.22 13.78
C LEU A 93 -25.71 -7.09 15.20
N ASP A 94 -27.01 -7.31 15.38
CA ASP A 94 -27.63 -7.18 16.69
C ASP A 94 -26.98 -7.97 17.83
N SER A 95 -26.95 -9.29 17.73
CA SER A 95 -26.37 -10.08 18.80
C SER A 95 -24.88 -9.80 19.01
N GLU A 96 -24.13 -9.64 17.92
CA GLU A 96 -22.70 -9.37 18.05
C GLU A 96 -22.43 -8.02 18.69
N VAL A 97 -23.21 -7.02 18.31
CA VAL A 97 -23.02 -5.67 18.85
C VAL A 97 -23.25 -5.65 20.34
N LYS A 98 -24.22 -6.43 20.81
CA LYS A 98 -24.50 -6.44 22.23
C LYS A 98 -23.32 -7.03 22.98
N SER A 99 -22.70 -8.05 22.41
CA SER A 99 -21.54 -8.67 23.03
C SER A 99 -20.32 -7.71 23.03
N LEU A 100 -20.12 -7.01 21.92
CA LEU A 100 -19.00 -6.05 21.84
C LEU A 100 -19.26 -4.96 22.87
N HIS A 101 -20.51 -4.55 23.01
CA HIS A 101 -20.81 -3.48 23.96
C HIS A 101 -20.51 -3.92 25.40
N ARG A 102 -20.88 -5.16 25.72
CA ARG A 102 -20.62 -5.65 27.04
C ARG A 102 -19.12 -5.82 27.28
N HIS A 103 -18.33 -5.85 26.21
CA HIS A 103 -16.88 -5.94 26.37
C HIS A 103 -16.18 -4.56 26.24
N ASN A 104 -16.97 -3.49 26.29
CA ASN A 104 -16.46 -2.12 26.23
C ASN A 104 -15.69 -1.82 24.95
N VAL A 105 -16.15 -2.42 23.86
CA VAL A 105 -15.52 -2.18 22.55
C VAL A 105 -16.32 -1.09 21.83
N ARG A 106 -15.61 -0.16 21.20
CA ARG A 106 -16.28 0.89 20.42
C ARG A 106 -16.29 0.36 19.00
N LEU A 107 -17.48 0.28 18.40
CA LEU A 107 -17.62 -0.23 17.03
C LEU A 107 -17.80 0.86 15.97
N ARG A 108 -17.06 0.74 14.87
CA ARG A 108 -17.19 1.70 13.77
C ARG A 108 -17.15 0.92 12.48
N ILE A 109 -18.05 1.23 11.55
CA ILE A 109 -18.05 0.56 10.26
C ILE A 109 -17.35 1.48 9.24
N ILE A 110 -16.38 0.96 8.48
CA ILE A 110 -15.76 1.78 7.50
C ILE A 110 -16.11 1.19 6.14
N GLY A 111 -16.26 2.06 5.13
CA GLY A 111 -16.61 1.55 3.81
C GLY A 111 -17.80 2.31 3.28
N ASP A 112 -18.19 1.96 2.06
CA ASP A 112 -19.30 2.68 1.44
C ASP A 112 -20.67 2.08 1.76
N THR A 113 -21.33 2.67 2.75
CA THR A 113 -22.64 2.21 3.15
C THR A 113 -23.73 3.15 2.61
N SER A 114 -23.32 4.16 1.84
CA SER A 114 -24.25 5.15 1.28
C SER A 114 -25.39 4.57 0.46
N ARG A 115 -25.23 3.35 -0.04
CA ARG A 115 -26.26 2.74 -0.87
C ARG A 115 -26.99 1.61 -0.16
N PHE A 116 -26.53 1.30 1.06
CA PHE A 116 -27.19 0.26 1.86
C PHE A 116 -28.60 0.84 2.05
N ASN A 117 -29.59 -0.01 2.24
CA ASN A 117 -30.95 0.53 2.41
C ASN A 117 -31.01 1.30 3.72
N SER A 118 -31.93 2.26 3.80
CA SER A 118 -32.02 3.09 4.99
C SER A 118 -32.17 2.35 6.32
N ARG A 119 -32.85 1.21 6.33
CA ARG A 119 -33.00 0.48 7.59
C ARG A 119 -31.66 -0.02 8.09
N LEU A 120 -30.87 -0.55 7.17
CA LEU A 120 -29.56 -1.07 7.53
C LEU A 120 -28.65 0.10 7.95
N GLN A 121 -28.67 1.19 7.17
CA GLN A 121 -27.84 2.32 7.55
C GLN A 121 -28.22 2.81 8.95
N GLU A 122 -29.52 2.78 9.28
CA GLU A 122 -29.91 3.23 10.61
C GLU A 122 -29.42 2.26 11.70
N ARG A 123 -29.53 0.96 11.46
CA ARG A 123 -29.10 -0.02 12.45
C ARG A 123 -27.59 0.03 12.68
N ILE A 124 -26.86 0.40 11.64
CA ILE A 124 -25.42 0.53 11.73
C ILE A 124 -25.15 1.72 12.62
N ARG A 125 -25.79 2.85 12.30
CA ARG A 125 -25.63 4.06 13.08
C ARG A 125 -25.98 3.82 14.56
N LYS A 126 -27.01 3.04 14.80
CA LYS A 126 -27.44 2.74 16.18
C LYS A 126 -26.36 1.97 16.92
N SER A 127 -25.73 1.02 16.22
CA SER A 127 -24.66 0.21 16.80
C SER A 127 -23.44 1.05 17.11
N GLU A 128 -23.13 2.00 16.23
CA GLU A 128 -22.00 2.88 16.47
C GLU A 128 -22.31 3.85 17.60
N ALA A 129 -23.54 4.39 17.57
CA ALA A 129 -23.97 5.33 18.59
C ALA A 129 -23.94 4.68 19.98
N LEU A 130 -24.44 3.45 20.07
CA LEU A 130 -24.48 2.70 21.33
C LEU A 130 -23.11 2.50 21.99
N THR A 131 -22.12 2.13 21.18
CA THR A 131 -20.76 1.86 21.66
C THR A 131 -19.79 3.05 21.57
N ALA A 132 -20.27 4.18 21.06
CA ALA A 132 -19.45 5.37 20.87
C ALA A 132 -18.68 5.86 22.10
N GLY A 133 -19.25 5.63 23.28
CA GLY A 133 -18.60 6.07 24.48
C GLY A 133 -17.74 5.01 25.12
N ASN A 134 -17.60 3.83 24.49
CA ASN A 134 -16.80 2.80 25.09
C ASN A 134 -15.32 3.16 25.05
N THR A 135 -14.60 2.73 26.07
CA THR A 135 -13.19 3.08 26.22
C THR A 135 -12.22 1.97 25.97
N GLY A 136 -12.74 0.83 25.56
CA GLY A 136 -11.86 -0.28 25.31
C GLY A 136 -11.39 -0.16 23.88
N LEU A 137 -11.19 -1.30 23.30
CA LEU A 137 -10.72 -1.36 21.92
C LEU A 137 -11.68 -0.66 20.93
N THR A 138 -11.13 0.03 19.93
CA THR A 138 -11.97 0.58 18.89
C THR A 138 -11.80 -0.45 17.79
N LEU A 139 -12.91 -1.04 17.37
CA LEU A 139 -12.95 -2.10 16.35
C LEU A 139 -13.61 -1.53 15.11
N ASN A 140 -12.84 -1.50 14.04
CA ASN A 140 -13.33 -1.01 12.77
C ASN A 140 -13.61 -2.18 11.86
N ILE A 141 -14.84 -2.27 11.37
CA ILE A 141 -15.18 -3.38 10.50
C ILE A 141 -15.41 -2.79 9.12
N ALA A 142 -14.66 -3.32 8.15
CA ALA A 142 -14.81 -2.88 6.79
C ALA A 142 -16.08 -3.49 6.18
N ALA A 143 -16.92 -2.68 5.55
CA ALA A 143 -18.13 -3.19 4.90
C ALA A 143 -18.18 -2.43 3.59
N ASN A 144 -18.09 -3.15 2.48
CA ASN A 144 -18.07 -2.56 1.15
C ASN A 144 -16.98 -1.50 1.10
N TYR A 145 -15.80 -1.86 1.58
CA TYR A 145 -14.67 -0.96 1.64
C TYR A 145 -13.62 -1.26 0.56
N GLY A 146 -12.98 -0.21 0.07
CA GLY A 146 -11.90 -0.36 -0.90
C GLY A 146 -10.92 0.77 -0.61
N GLY A 147 -9.61 0.50 -0.63
CA GLY A 147 -8.66 1.55 -0.36
C GLY A 147 -8.73 2.65 -1.41
N ARG A 148 -8.99 2.31 -2.67
CA ARG A 148 -9.05 3.37 -3.67
C ARG A 148 -10.31 4.17 -3.50
N TRP A 149 -11.40 3.50 -3.13
CA TRP A 149 -12.67 4.21 -2.88
C TRP A 149 -12.51 5.21 -1.73
N ASP A 150 -11.82 4.77 -0.69
CA ASP A 150 -11.53 5.57 0.48
C ASP A 150 -10.85 6.86 0.07
N ILE A 151 -9.78 6.75 -0.74
CA ILE A 151 -9.08 7.93 -1.18
C ILE A 151 -10.02 8.83 -2.02
N VAL A 152 -10.76 8.20 -2.93
CA VAL A 152 -11.69 8.94 -3.80
C VAL A 152 -12.74 9.70 -3.01
N GLN A 153 -13.34 9.10 -1.99
CA GLN A 153 -14.34 9.83 -1.20
C GLN A 153 -13.72 11.05 -0.54
N GLY A 154 -12.48 10.92 -0.07
CA GLY A 154 -11.83 12.07 0.53
C GLY A 154 -11.56 13.11 -0.55
N VAL A 155 -11.16 12.65 -1.72
CA VAL A 155 -10.85 13.57 -2.81
C VAL A 155 -12.08 14.38 -3.20
N ARG A 156 -13.23 13.74 -3.21
CA ARG A 156 -14.49 14.41 -3.55
C ARG A 156 -14.80 15.50 -2.52
N GLN A 157 -14.39 15.30 -1.28
CA GLN A 157 -14.67 16.27 -0.23
C GLN A 157 -13.82 17.52 -0.45
N LEU A 158 -12.60 17.32 -0.91
CA LEU A 158 -11.73 18.44 -1.18
C LEU A 158 -12.19 19.11 -2.47
N ALA A 159 -12.68 18.33 -3.42
CA ALA A 159 -13.14 18.89 -4.68
C ALA A 159 -14.24 19.92 -4.38
N GLU A 160 -15.18 19.55 -3.51
CA GLU A 160 -16.29 20.43 -3.11
C GLU A 160 -15.80 21.76 -2.53
N LYS A 161 -14.78 21.71 -1.67
CA LYS A 161 -14.25 22.93 -1.09
C LYS A 161 -13.71 23.83 -2.21
N VAL A 162 -12.95 23.22 -3.13
CA VAL A 162 -12.40 23.96 -4.25
C VAL A 162 -13.54 24.64 -5.03
N GLN A 163 -14.58 23.87 -5.29
CA GLN A 163 -15.71 24.37 -6.05
C GLN A 163 -16.35 25.57 -5.37
N GLN A 164 -16.51 25.50 -4.04
CA GLN A 164 -17.12 26.59 -3.28
C GLN A 164 -16.23 27.83 -3.20
N GLY A 165 -15.06 27.76 -3.81
CA GLY A 165 -14.15 28.90 -3.82
C GLY A 165 -13.36 29.05 -2.54
N ASN A 166 -13.55 28.11 -1.63
CA ASN A 166 -12.88 28.11 -0.35
C ASN A 166 -11.52 27.40 -0.33
N LEU A 167 -11.09 26.89 -1.48
CA LEU A 167 -9.82 26.16 -1.52
C LEU A 167 -9.04 26.25 -2.85
N GLN A 168 -7.80 26.69 -2.78
CA GLN A 168 -6.97 26.76 -3.98
C GLN A 168 -6.35 25.38 -4.17
N PRO A 169 -6.32 24.88 -5.42
CA PRO A 169 -5.73 23.56 -5.64
C PRO A 169 -4.33 23.45 -5.02
N ASP A 170 -3.57 24.54 -5.05
CA ASP A 170 -2.23 24.50 -4.48
C ASP A 170 -2.24 24.39 -2.96
N GLN A 171 -3.42 24.48 -2.35
CA GLN A 171 -3.51 24.36 -0.90
C GLN A 171 -3.67 22.89 -0.48
N ILE A 172 -3.98 22.04 -1.45
CA ILE A 172 -4.16 20.61 -1.16
C ILE A 172 -2.80 19.94 -1.05
N ASP A 173 -2.54 19.37 0.13
CA ASP A 173 -1.30 18.67 0.38
C ASP A 173 -1.65 17.32 1.02
N GLU A 174 -0.65 16.55 1.37
CA GLU A 174 -0.93 15.23 1.97
C GLU A 174 -1.65 15.30 3.30
N GLU A 175 -1.25 16.27 4.12
CA GLU A 175 -1.82 16.43 5.43
C GLU A 175 -3.32 16.68 5.28
N MSE A 176 -3.71 17.50 4.32
CA MSE A 176 -5.13 17.76 4.14
C MSE A 176 -5.89 16.53 3.67
O MSE A 176 -6.94 16.21 4.19
CB MSE A 176 -5.36 18.91 3.14
CG MSE A 176 -6.82 19.23 2.97
SE MSE A 176 -7.05 20.68 1.69
CE MSE A 176 -5.77 21.91 2.39
N LEU A 177 -5.37 15.84 2.67
CA LEU A 177 -6.06 14.68 2.19
C LEU A 177 -6.13 13.63 3.32
N ASN A 178 -5.06 13.54 4.11
CA ASN A 178 -5.02 12.58 5.22
C ASN A 178 -6.21 12.81 6.16
N GLN A 179 -6.55 14.08 6.40
CA GLN A 179 -7.67 14.41 7.28
C GLN A 179 -9.04 14.05 6.70
N HIS A 180 -9.06 13.59 5.44
CA HIS A 180 -10.30 13.15 4.85
C HIS A 180 -10.38 11.69 4.46
N VAL A 181 -9.39 10.88 4.84
CA VAL A 181 -9.46 9.43 4.56
C VAL A 181 -9.95 8.74 5.85
N CYS A 182 -10.51 7.56 5.71
CA CYS A 182 -11.05 6.86 6.85
C CYS A 182 -10.02 6.62 7.94
N MSE A 183 -10.49 6.79 9.17
CA MSE A 183 -9.69 6.56 10.39
C MSE A 183 -8.56 7.55 10.64
O MSE A 183 -7.69 7.29 11.46
CB MSE A 183 -9.18 5.10 10.38
CG MSE A 183 -10.31 4.10 10.14
SE MSE A 183 -9.70 2.26 10.45
CE MSE A 183 -8.32 2.27 9.06
N HIS A 184 -8.60 8.72 9.99
CA HIS A 184 -7.54 9.69 10.20
C HIS A 184 -7.50 10.14 11.66
N GLU A 185 -8.59 9.99 12.40
CA GLU A 185 -8.61 10.42 13.80
C GLU A 185 -8.02 9.39 14.79
N LEU A 186 -7.72 8.20 14.30
CA LEU A 186 -7.17 7.14 15.15
C LEU A 186 -5.68 7.07 14.93
N ALA A 187 -5.00 6.33 15.79
CA ALA A 187 -3.56 6.15 15.61
C ALA A 187 -3.40 5.57 14.21
N PRO A 188 -2.29 5.91 13.53
CA PRO A 188 -2.02 5.37 12.19
C PRO A 188 -1.91 3.85 12.30
N VAL A 189 -2.28 3.14 11.23
CA VAL A 189 -2.14 1.67 11.23
C VAL A 189 -0.65 1.36 11.29
N ASP A 190 -0.26 0.57 12.30
CA ASP A 190 1.13 0.20 12.62
C ASP A 190 1.49 -1.15 11.98
N LEU A 191 0.50 -2.03 11.94
CA LEU A 191 0.73 -3.39 11.50
C LEU A 191 -0.45 -3.93 10.72
N VAL A 192 -0.18 -4.53 9.56
CA VAL A 192 -1.22 -5.15 8.76
C VAL A 192 -0.90 -6.65 8.70
N ILE A 193 -1.86 -7.46 9.09
CA ILE A 193 -1.68 -8.92 9.09
C ILE A 193 -2.58 -9.47 8.01
N ARG A 194 -2.04 -10.34 7.15
CA ARG A 194 -2.94 -11.02 6.23
C ARG A 194 -2.76 -12.53 6.44
N THR A 195 -3.85 -13.20 6.78
CA THR A 195 -3.81 -14.63 7.00
C THR A 195 -4.19 -15.32 5.68
N GLY A 196 -4.02 -16.62 5.61
CA GLY A 196 -4.48 -17.30 4.42
C GLY A 196 -3.50 -17.55 3.33
N GLY A 197 -2.29 -17.04 3.49
CA GLY A 197 -1.23 -17.32 2.54
C GLY A 197 -0.99 -16.43 1.35
N GLU A 198 -1.90 -15.53 1.01
CA GLU A 198 -1.71 -14.63 -0.13
C GLU A 198 -0.90 -13.44 0.34
N HIS A 199 -0.10 -12.88 -0.56
CA HIS A 199 0.76 -11.76 -0.21
C HIS A 199 0.35 -10.51 -0.99
N ARG A 200 -0.82 -9.97 -0.71
CA ARG A 200 -1.29 -8.78 -1.45
C ARG A 200 -2.21 -8.02 -0.51
N ILE A 201 -2.43 -6.76 -0.83
CA ILE A 201 -3.29 -5.89 -0.04
C ILE A 201 -4.76 -6.03 -0.52
N SER A 202 -4.94 -6.44 -1.76
CA SER A 202 -6.28 -6.62 -2.34
C SER A 202 -7.21 -5.44 -2.14
N ASN A 203 -6.67 -4.25 -2.37
CA ASN A 203 -7.45 -3.02 -2.25
C ASN A 203 -8.12 -2.81 -0.91
N PHE A 204 -7.43 -3.25 0.14
CA PHE A 204 -7.87 -2.95 1.50
C PHE A 204 -7.20 -1.54 1.66
N LEU A 205 -6.73 -1.18 2.85
CA LEU A 205 -6.11 0.11 3.08
C LEU A 205 -4.90 0.36 2.18
N LEU A 206 -4.83 1.57 1.62
CA LEU A 206 -3.67 1.94 0.77
C LEU A 206 -2.98 3.15 1.32
N TRP A 207 -3.70 4.27 1.37
CA TRP A 207 -3.16 5.50 1.91
C TRP A 207 -2.66 5.27 3.33
N GLN A 208 -3.45 4.55 4.12
CA GLN A 208 -3.15 4.34 5.54
C GLN A 208 -1.97 3.43 5.85
N ILE A 209 -1.56 2.62 4.89
CA ILE A 209 -0.47 1.68 5.18
C ILE A 209 0.90 2.05 4.65
N ALA A 210 1.07 3.32 4.29
CA ALA A 210 2.33 3.81 3.75
C ALA A 210 3.55 3.45 4.58
N TYR A 211 3.39 3.43 5.90
CA TYR A 211 4.51 3.13 6.77
C TYR A 211 4.26 1.92 7.68
N ALA A 212 3.18 1.19 7.45
CA ALA A 212 2.85 0.05 8.29
C ALA A 212 3.71 -1.19 8.04
N GLU A 213 3.97 -1.94 9.10
CA GLU A 213 4.68 -3.22 8.98
C GLU A 213 3.65 -4.17 8.32
N LEU A 214 4.07 -4.98 7.36
CA LEU A 214 3.18 -5.91 6.69
C LEU A 214 3.59 -7.33 7.12
N TYR A 215 2.63 -8.09 7.63
CA TYR A 215 2.95 -9.41 8.14
C TYR A 215 2.04 -10.44 7.50
N PHE A 216 2.65 -11.37 6.78
CA PHE A 216 1.88 -12.42 6.09
C PHE A 216 2.04 -13.78 6.73
N THR A 217 0.94 -14.48 6.98
CA THR A 217 1.01 -15.80 7.56
C THR A 217 0.12 -16.76 6.77
N ASP A 218 0.59 -17.99 6.63
CA ASP A 218 -0.15 -19.00 5.91
C ASP A 218 -1.36 -19.51 6.70
N VAL A 219 -1.37 -19.25 8.01
CA VAL A 219 -2.46 -19.74 8.87
C VAL A 219 -3.80 -19.28 8.33
N LEU A 220 -4.79 -20.18 8.23
CA LEU A 220 -6.13 -19.82 7.75
C LEU A 220 -6.85 -19.07 8.86
N TRP A 221 -7.64 -18.06 8.49
CA TRP A 221 -8.27 -17.24 9.51
C TRP A 221 -8.95 -17.96 10.68
N PRO A 222 -9.71 -19.04 10.42
CA PRO A 222 -10.35 -19.68 11.57
C PRO A 222 -9.35 -20.23 12.59
N ASP A 223 -8.14 -20.54 12.13
CA ASP A 223 -7.13 -21.11 13.00
C ASP A 223 -6.25 -20.07 13.65
N PHE A 224 -6.36 -18.83 13.19
CA PHE A 224 -5.55 -17.74 13.73
C PHE A 224 -5.97 -17.44 15.16
N ASP A 225 -5.10 -17.75 16.11
CA ASP A 225 -5.40 -17.57 17.52
C ASP A 225 -4.49 -16.61 18.25
N GLU A 226 -4.59 -16.62 19.58
CA GLU A 226 -3.80 -15.71 20.37
C GLU A 226 -2.31 -15.85 20.14
N GLN A 227 -1.79 -17.08 20.02
CA GLN A 227 -0.36 -17.25 19.80
C GLN A 227 0.07 -16.75 18.43
N ASP A 228 -0.78 -16.91 17.42
CA ASP A 228 -0.51 -16.39 16.09
C ASP A 228 -0.46 -14.85 16.12
N PHE A 229 -1.39 -14.25 16.85
CA PHE A 229 -1.44 -12.78 16.95
C PHE A 229 -0.19 -12.31 17.70
N GLU A 230 0.14 -13.00 18.80
CA GLU A 230 1.33 -12.64 19.58
C GLU A 230 2.55 -12.70 18.65
N GLY A 231 2.60 -13.71 17.77
CA GLY A 231 3.72 -13.81 16.84
C GLY A 231 3.83 -12.62 15.89
N ALA A 232 2.69 -12.08 15.47
CA ALA A 232 2.71 -10.93 14.57
C ALA A 232 3.16 -9.70 15.36
N LEU A 233 2.67 -9.57 16.59
CA LEU A 233 3.08 -8.43 17.42
C LEU A 233 4.57 -8.48 17.71
N ASN A 234 5.07 -9.69 17.95
CA ASN A 234 6.50 -9.85 18.24
C ASN A 234 7.33 -9.52 17.02
N ALA A 235 6.85 -9.87 15.83
CA ALA A 235 7.58 -9.55 14.60
C ALA A 235 7.65 -8.04 14.49
N PHE A 236 6.52 -7.37 14.78
CA PHE A 236 6.49 -5.92 14.76
C PHE A 236 7.53 -5.33 15.73
N ALA A 237 7.51 -5.80 16.97
CA ALA A 237 8.42 -5.31 18.01
C ALA A 237 9.88 -5.43 17.63
N ASN A 238 10.22 -6.55 17.00
CA ASN A 238 11.60 -6.83 16.60
C ASN A 238 12.02 -6.13 15.34
N ARG A 239 11.04 -5.70 14.57
CA ARG A 239 11.28 -5.02 13.31
C ARG A 239 11.23 -3.52 13.43
N GLU A 240 10.50 -3.05 14.43
CA GLU A 240 10.38 -1.62 14.67
C GLU A 240 11.70 -1.17 15.25
N GLY B 17 3.45 -14.22 -16.40
CA GLY B 17 2.67 -13.15 -17.12
C GLY B 17 2.78 -11.83 -16.38
N CYS B 18 3.82 -11.74 -15.56
CA CYS B 18 4.12 -10.55 -14.77
C CYS B 18 4.59 -9.45 -15.75
N ARG B 19 3.84 -8.35 -15.84
CA ARG B 19 4.17 -7.28 -16.80
C ARG B 19 4.91 -6.07 -16.20
N HIS B 20 4.74 -5.83 -14.91
CA HIS B 20 5.35 -4.63 -14.32
C HIS B 20 5.82 -4.95 -12.93
N VAL B 21 7.12 -4.85 -12.73
CA VAL B 21 7.70 -5.16 -11.43
C VAL B 21 8.22 -3.86 -10.84
N ALA B 22 7.97 -3.65 -9.55
CA ALA B 22 8.52 -2.48 -8.86
C ALA B 22 9.44 -2.98 -7.76
N ILE B 23 10.58 -2.34 -7.57
CA ILE B 23 11.52 -2.81 -6.55
C ILE B 23 11.97 -1.74 -5.60
N ILE B 24 11.90 -2.02 -4.29
CA ILE B 24 12.42 -1.12 -3.27
C ILE B 24 13.80 -1.70 -2.99
N MSE B 25 14.82 -1.01 -3.45
CA MSE B 25 16.20 -1.49 -3.34
C MSE B 25 16.75 -1.01 -2.02
O MSE B 25 16.92 0.21 -1.81
CB MSE B 25 17.01 -0.94 -4.52
CG MSE B 25 16.35 -1.22 -5.86
SE MSE B 25 17.33 -0.38 -7.33
CE MSE B 25 16.89 1.48 -6.98
N ASP B 26 17.01 -1.93 -1.11
CA ASP B 26 17.53 -1.56 0.20
C ASP B 26 18.62 -2.54 0.56
N GLY B 27 19.62 -2.07 1.32
CA GLY B 27 20.69 -2.95 1.74
C GLY B 27 22.11 -2.57 1.33
N ASN B 28 22.27 -1.47 0.58
CA ASN B 28 23.60 -1.08 0.11
C ASN B 28 24.55 -0.79 1.27
N GLY B 29 24.10 0.01 2.23
CA GLY B 29 24.92 0.35 3.39
C GLY B 29 25.30 -0.86 4.23
N ARG B 30 24.30 -1.63 4.64
CA ARG B 30 24.53 -2.84 5.44
C ARG B 30 25.47 -3.79 4.71
N TRP B 31 25.33 -3.87 3.39
CA TRP B 31 26.17 -4.77 2.59
C TRP B 31 27.63 -4.37 2.68
N ALA B 32 27.89 -3.09 2.46
CA ALA B 32 29.26 -2.57 2.49
C ALA B 32 29.91 -2.79 3.86
N LYS B 33 29.14 -2.61 4.92
CA LYS B 33 29.64 -2.79 6.28
C LYS B 33 30.07 -4.25 6.46
N LYS B 34 29.22 -5.19 6.03
CA LYS B 34 29.54 -6.60 6.13
C LYS B 34 30.78 -6.99 5.34
N GLN B 35 31.08 -6.23 4.30
CA GLN B 35 32.26 -6.53 3.49
C GLN B 35 33.46 -5.74 4.03
N GLY B 36 33.23 -4.96 5.08
CA GLY B 36 34.29 -4.15 5.68
C GLY B 36 34.66 -2.94 4.85
N LYS B 37 33.70 -2.42 4.07
CA LYS B 37 33.95 -1.27 3.19
C LYS B 37 33.09 -0.07 3.53
N ILE B 38 33.42 1.06 2.90
CA ILE B 38 32.68 2.30 3.11
C ILE B 38 31.39 2.31 2.28
N ARG B 39 30.43 3.12 2.73
CA ARG B 39 29.13 3.24 2.08
C ARG B 39 29.18 3.37 0.58
N ALA B 40 30.16 4.12 0.07
CA ALA B 40 30.31 4.32 -1.38
C ALA B 40 30.53 3.03 -2.16
N PHE B 41 31.29 2.10 -1.57
CA PHE B 41 31.55 0.82 -2.21
C PHE B 41 30.24 0.03 -2.33
N GLY B 42 29.38 0.15 -1.32
CA GLY B 42 28.10 -0.53 -1.34
C GLY B 42 27.21 0.04 -2.44
N HIS B 43 27.29 1.36 -2.64
CA HIS B 43 26.49 1.98 -3.67
C HIS B 43 26.98 1.59 -5.06
N LYS B 44 28.29 1.44 -5.20
CA LYS B 44 28.83 1.05 -6.49
C LYS B 44 28.37 -0.36 -6.80
N ALA B 45 28.37 -1.22 -5.78
CA ALA B 45 27.92 -2.58 -5.95
C ALA B 45 26.43 -2.53 -6.23
N GLY B 46 25.72 -1.64 -5.54
CA GLY B 46 24.29 -1.53 -5.77
C GLY B 46 23.98 -1.11 -7.20
N ALA B 47 24.79 -0.25 -7.78
CA ALA B 47 24.56 0.18 -9.15
C ALA B 47 24.75 -0.98 -10.15
N LYS B 48 25.72 -1.86 -9.88
CA LYS B 48 25.94 -3.00 -10.75
C LYS B 48 24.71 -3.90 -10.67
N SER B 49 24.13 -3.98 -9.48
CA SER B 49 22.95 -4.79 -9.27
C SER B 49 21.78 -4.18 -10.07
N VAL B 50 21.73 -2.86 -10.17
CA VAL B 50 20.67 -2.21 -10.96
C VAL B 50 20.83 -2.59 -12.42
N ARG B 51 22.06 -2.51 -12.91
CA ARG B 51 22.35 -2.86 -14.30
C ARG B 51 21.86 -4.27 -14.56
N ARG B 52 22.20 -5.18 -13.67
CA ARG B 52 21.81 -6.59 -13.79
C ARG B 52 20.29 -6.79 -13.76
N ALA B 53 19.60 -6.06 -12.87
CA ALA B 53 18.14 -6.19 -12.79
C ALA B 53 17.47 -5.63 -14.04
N VAL B 54 17.97 -4.50 -14.53
CA VAL B 54 17.38 -3.92 -15.74
C VAL B 54 17.54 -4.92 -16.91
N SER B 55 18.74 -5.49 -17.05
CA SER B 55 18.93 -6.46 -18.11
C SER B 55 18.04 -7.67 -17.94
N PHE B 56 17.89 -8.14 -16.71
CA PHE B 56 17.06 -9.31 -16.48
C PHE B 56 15.61 -9.04 -16.89
N ALA B 57 15.11 -7.87 -16.52
CA ALA B 57 13.74 -7.54 -16.85
C ALA B 57 13.57 -7.46 -18.35
N ALA B 58 14.52 -6.81 -19.02
CA ALA B 58 14.39 -6.67 -20.47
C ALA B 58 14.46 -8.03 -21.15
N ASN B 59 15.37 -8.88 -20.66
CA ASN B 59 15.61 -10.23 -21.21
C ASN B 59 14.50 -11.23 -20.97
N ASN B 60 13.65 -10.94 -19.99
CA ASN B 60 12.58 -11.83 -19.64
C ASN B 60 11.19 -11.30 -19.89
N GLY B 61 11.10 -10.40 -20.86
CA GLY B 61 9.82 -9.87 -21.26
C GLY B 61 9.02 -9.05 -20.31
N ILE B 62 9.67 -8.50 -19.28
CA ILE B 62 8.96 -7.65 -18.34
C ILE B 62 8.77 -6.31 -19.07
N GLU B 63 7.54 -5.80 -19.09
CA GLU B 63 7.22 -4.56 -19.79
C GLU B 63 7.67 -3.28 -19.12
N ALA B 64 7.63 -3.27 -17.79
CA ALA B 64 8.01 -2.09 -17.05
C ALA B 64 8.69 -2.51 -15.76
N LEU B 65 9.71 -1.74 -15.40
CA LEU B 65 10.50 -1.98 -14.18
C LEU B 65 10.58 -0.62 -13.46
N THR B 66 10.09 -0.58 -12.20
CA THR B 66 10.07 0.70 -11.46
C THR B 66 10.96 0.50 -10.26
N LEU B 67 12.00 1.33 -10.16
CA LEU B 67 13.02 1.25 -9.11
C LEU B 67 13.04 2.43 -8.16
N TYR B 68 13.06 2.09 -6.87
CA TYR B 68 13.03 3.06 -5.79
C TYR B 68 14.24 2.77 -4.89
N ALA B 69 15.18 3.70 -4.84
CA ALA B 69 16.37 3.54 -3.99
C ALA B 69 15.94 3.93 -2.57
N PHE B 70 15.84 2.96 -1.66
CA PHE B 70 15.41 3.27 -0.30
C PHE B 70 16.51 3.92 0.52
N SER B 71 16.17 5.06 1.12
CA SER B 71 17.11 5.81 1.94
C SER B 71 16.67 5.83 3.40
N SER B 83 23.85 18.36 -2.98
CA SER B 83 24.14 18.73 -4.39
C SER B 83 25.03 17.68 -5.03
N ALA B 84 25.66 16.86 -4.20
CA ALA B 84 26.55 15.81 -4.69
C ALA B 84 25.75 14.72 -5.39
N LEU B 85 24.68 14.27 -4.74
CA LEU B 85 23.80 13.24 -5.28
C LEU B 85 23.18 13.68 -6.59
N MSE B 86 22.71 14.92 -6.62
CA MSE B 86 22.08 15.49 -7.80
C MSE B 86 23.05 15.50 -8.98
O MSE B 86 22.67 15.13 -10.10
CB MSE B 86 21.60 16.90 -7.48
CG MSE B 86 20.67 16.93 -6.30
SE MSE B 86 19.00 16.03 -6.64
CE MSE B 86 19.49 14.19 -6.25
N GLU B 87 24.27 15.94 -8.74
CA GLU B 87 25.28 16.00 -9.80
C GLU B 87 25.59 14.60 -10.32
N LEU B 88 25.56 13.62 -9.41
CA LEU B 88 25.83 12.24 -9.79
C LEU B 88 24.71 11.76 -10.72
N PHE B 89 23.49 12.28 -10.49
CA PHE B 89 22.32 11.92 -11.29
C PHE B 89 22.53 12.50 -12.70
N VAL B 90 22.97 13.76 -12.75
CA VAL B 90 23.22 14.42 -14.04
C VAL B 90 24.23 13.59 -14.81
N TRP B 91 25.32 13.24 -14.13
CA TRP B 91 26.39 12.45 -14.73
C TRP B 91 25.90 11.10 -15.24
N ALA B 92 25.14 10.41 -14.39
CA ALA B 92 24.62 9.10 -14.76
C ALA B 92 23.74 9.23 -16.01
N LEU B 93 22.86 10.22 -16.02
CA LEU B 93 21.99 10.42 -17.17
C LEU B 93 22.84 10.65 -18.41
N ASP B 94 23.80 11.57 -18.30
CA ASP B 94 24.65 11.89 -19.43
C ASP B 94 25.43 10.69 -19.99
N SER B 95 25.76 9.72 -19.15
CA SER B 95 26.55 8.58 -19.61
C SER B 95 25.82 7.30 -20.01
N GLU B 96 24.60 7.12 -19.48
CA GLU B 96 23.83 5.90 -19.75
C GLU B 96 22.62 6.02 -20.67
N VAL B 97 22.06 7.21 -20.81
CA VAL B 97 20.85 7.34 -21.61
C VAL B 97 20.97 6.91 -23.07
N LYS B 98 22.08 7.27 -23.72
CA LYS B 98 22.24 6.89 -25.11
C LYS B 98 22.18 5.38 -25.30
N SER B 99 22.79 4.62 -24.39
CA SER B 99 22.75 3.17 -24.49
C SER B 99 21.32 2.65 -24.25
N LEU B 100 20.62 3.20 -23.25
CA LEU B 100 19.25 2.75 -23.02
C LEU B 100 18.44 3.03 -24.28
N HIS B 101 18.66 4.19 -24.89
CA HIS B 101 17.94 4.55 -26.10
C HIS B 101 18.18 3.54 -27.23
N ARG B 102 19.44 3.15 -27.42
CA ARG B 102 19.74 2.17 -28.46
C ARG B 102 19.10 0.83 -28.12
N HIS B 103 18.89 0.57 -26.82
CA HIS B 103 18.25 -0.68 -26.41
C HIS B 103 16.73 -0.64 -26.42
N ASN B 104 16.19 0.45 -26.95
CA ASN B 104 14.76 0.61 -27.09
C ASN B 104 14.08 0.64 -25.72
N VAL B 105 14.79 1.21 -24.75
CA VAL B 105 14.25 1.36 -23.38
C VAL B 105 13.71 2.77 -23.24
N ARG B 106 12.52 2.89 -22.66
CA ARG B 106 11.93 4.20 -22.43
C ARG B 106 12.29 4.54 -20.98
N LEU B 107 12.88 5.72 -20.75
CA LEU B 107 13.29 6.12 -19.41
C LEU B 107 12.32 7.15 -18.88
N ARG B 108 11.86 6.95 -17.65
CA ARG B 108 10.96 7.92 -17.05
C ARG B 108 11.36 8.09 -15.60
N ILE B 109 11.32 9.33 -15.11
CA ILE B 109 11.62 9.61 -13.72
C ILE B 109 10.27 9.91 -13.05
N ILE B 110 9.98 9.24 -11.93
CA ILE B 110 8.74 9.51 -11.25
C ILE B 110 9.09 10.18 -9.93
N GLY B 111 8.31 11.18 -9.56
CA GLY B 111 8.63 11.87 -8.33
C GLY B 111 8.61 13.36 -8.53
N ASP B 112 8.78 14.08 -7.44
CA ASP B 112 8.75 15.55 -7.47
C ASP B 112 10.14 16.11 -7.76
N THR B 113 10.37 16.39 -9.03
CA THR B 113 11.65 16.90 -9.49
C THR B 113 11.56 18.44 -9.62
N SER B 114 10.39 18.98 -9.30
CA SER B 114 10.10 20.41 -9.41
C SER B 114 11.11 21.33 -8.74
N ARG B 115 11.72 20.89 -7.64
CA ARG B 115 12.67 21.74 -6.95
C ARG B 115 14.12 21.33 -7.11
N PHE B 116 14.40 20.38 -8.01
CA PHE B 116 15.79 19.99 -8.27
C PHE B 116 16.29 21.18 -9.07
N ASN B 117 17.60 21.33 -9.13
CA ASN B 117 18.16 22.45 -9.86
C ASN B 117 17.74 22.35 -11.34
N SER B 118 17.61 23.52 -11.96
CA SER B 118 17.15 23.65 -13.33
C SER B 118 17.91 22.80 -14.34
N ARG B 119 19.22 22.68 -14.16
CA ARG B 119 20.03 21.91 -15.08
C ARG B 119 19.70 20.43 -15.02
N LEU B 120 19.44 19.93 -13.81
CA LEU B 120 19.11 18.51 -13.64
C LEU B 120 17.71 18.28 -14.18
N GLN B 121 16.81 19.23 -13.94
CA GLN B 121 15.48 19.07 -14.46
C GLN B 121 15.51 18.98 -15.99
N GLU B 122 16.36 19.80 -16.61
CA GLU B 122 16.47 19.77 -18.08
C GLU B 122 17.09 18.47 -18.61
N ARG B 123 18.06 17.91 -17.89
CA ARG B 123 18.68 16.67 -18.30
C ARG B 123 17.68 15.52 -18.23
N ILE B 124 16.81 15.58 -17.23
CA ILE B 124 15.80 14.54 -17.08
C ILE B 124 14.81 14.67 -18.22
N ARG B 125 14.37 15.90 -18.48
CA ARG B 125 13.40 16.14 -19.52
C ARG B 125 13.94 15.67 -20.87
N LYS B 126 15.21 15.98 -21.15
CA LYS B 126 15.79 15.60 -22.43
C LYS B 126 15.93 14.07 -22.54
N SER B 127 16.27 13.42 -21.44
CA SER B 127 16.40 11.97 -21.45
C SER B 127 15.02 11.31 -21.62
N GLU B 128 13.99 11.84 -20.97
CA GLU B 128 12.66 11.29 -21.15
C GLU B 128 12.17 11.54 -22.58
N ALA B 129 12.38 12.76 -23.07
CA ALA B 129 11.91 13.10 -24.40
C ALA B 129 12.56 12.22 -25.46
N LEU B 130 13.85 12.00 -25.33
CA LEU B 130 14.58 11.20 -26.30
C LEU B 130 14.07 9.76 -26.43
N THR B 131 13.77 9.14 -25.29
CA THR B 131 13.35 7.77 -25.26
C THR B 131 11.84 7.55 -25.15
N ALA B 132 11.06 8.63 -25.18
CA ALA B 132 9.63 8.49 -24.93
C ALA B 132 8.85 7.58 -25.87
N GLY B 133 9.31 7.44 -27.10
CA GLY B 133 8.59 6.57 -28.02
C GLY B 133 9.08 5.14 -28.05
N ASN B 134 10.09 4.84 -27.24
CA ASN B 134 10.65 3.49 -27.25
C ASN B 134 9.65 2.49 -26.73
N THR B 135 9.65 1.31 -27.35
CA THR B 135 8.67 0.27 -27.03
C THR B 135 9.18 -0.97 -26.33
N GLY B 136 10.44 -0.94 -25.91
CA GLY B 136 10.94 -2.09 -25.20
C GLY B 136 10.56 -1.87 -23.75
N LEU B 137 11.48 -2.18 -22.88
CA LEU B 137 11.23 -2.02 -21.45
C LEU B 137 11.03 -0.56 -21.06
N THR B 138 10.03 -0.24 -20.22
CA THR B 138 9.92 1.14 -19.73
C THR B 138 10.56 1.04 -18.34
N LEU B 139 11.60 1.84 -18.11
CA LEU B 139 12.32 1.86 -16.83
C LEU B 139 11.92 3.16 -16.11
N ASN B 140 11.24 3.02 -14.96
CA ASN B 140 10.79 4.18 -14.18
C ASN B 140 11.71 4.27 -12.99
N ILE B 141 12.37 5.41 -12.83
CA ILE B 141 13.30 5.61 -11.71
C ILE B 141 12.67 6.62 -10.76
N ALA B 142 12.54 6.26 -9.50
CA ALA B 142 11.95 7.20 -8.53
C ALA B 142 13.04 8.17 -8.06
N ALA B 143 12.66 9.43 -8.03
CA ALA B 143 13.53 10.52 -7.59
C ALA B 143 12.63 11.42 -6.76
N ASN B 144 12.88 11.50 -5.45
CA ASN B 144 12.05 12.32 -4.56
C ASN B 144 10.58 11.99 -4.77
N TYR B 145 10.30 10.69 -4.76
CA TYR B 145 8.96 10.19 -4.96
C TYR B 145 8.31 9.70 -3.64
N GLY B 146 7.01 9.90 -3.52
CA GLY B 146 6.29 9.41 -2.36
C GLY B 146 4.94 8.98 -2.90
N GLY B 147 4.40 7.86 -2.43
CA GLY B 147 3.10 7.40 -2.91
C GLY B 147 1.99 8.39 -2.58
N ARG B 148 2.05 8.98 -1.39
CA ARG B 148 1.02 9.96 -1.04
C ARG B 148 1.16 11.21 -1.90
N TRP B 149 2.38 11.65 -2.12
CA TRP B 149 2.60 12.83 -2.97
C TRP B 149 2.02 12.61 -4.37
N ASP B 150 2.23 11.41 -4.90
CA ASP B 150 1.78 10.99 -6.23
C ASP B 150 0.26 11.12 -6.34
N ILE B 151 -0.44 10.61 -5.35
CA ILE B 151 -1.88 10.69 -5.31
C ILE B 151 -2.27 12.18 -5.21
N VAL B 152 -1.60 12.91 -4.33
CA VAL B 152 -1.90 14.34 -4.14
C VAL B 152 -1.71 15.15 -5.41
N GLN B 153 -0.66 14.86 -6.17
CA GLN B 153 -0.44 15.61 -7.41
C GLN B 153 -1.57 15.37 -8.39
N GLY B 154 -2.08 14.14 -8.45
CA GLY B 154 -3.20 13.85 -9.32
C GLY B 154 -4.44 14.55 -8.80
N VAL B 155 -4.58 14.60 -7.47
CA VAL B 155 -5.74 15.27 -6.89
C VAL B 155 -5.73 16.76 -7.25
N ARG B 156 -4.55 17.37 -7.21
CA ARG B 156 -4.42 18.80 -7.55
C ARG B 156 -4.86 19.05 -8.99
N GLN B 157 -4.49 18.13 -9.89
CA GLN B 157 -4.87 18.25 -11.30
C GLN B 157 -6.37 18.24 -11.46
N LEU B 158 -7.05 17.35 -10.73
CA LEU B 158 -8.50 17.24 -10.77
C LEU B 158 -9.09 18.50 -10.13
N ALA B 159 -8.42 19.00 -9.09
CA ALA B 159 -8.87 20.21 -8.41
C ALA B 159 -8.82 21.41 -9.38
N GLU B 160 -7.75 21.48 -10.17
CA GLU B 160 -7.61 22.56 -11.16
C GLU B 160 -8.82 22.54 -12.07
N LYS B 161 -9.19 21.34 -12.51
CA LYS B 161 -10.32 21.19 -13.41
C LYS B 161 -11.63 21.56 -12.75
N VAL B 162 -11.75 21.32 -11.45
CA VAL B 162 -12.97 21.69 -10.74
C VAL B 162 -13.06 23.21 -10.59
N GLN B 163 -11.95 23.86 -10.27
CA GLN B 163 -11.93 25.31 -10.11
C GLN B 163 -12.13 26.01 -11.47
N GLN B 164 -12.01 25.24 -12.54
CA GLN B 164 -12.18 25.74 -13.90
C GLN B 164 -13.62 25.53 -14.39
N GLY B 165 -14.36 24.65 -13.72
CA GLY B 165 -15.73 24.38 -14.10
C GLY B 165 -15.90 23.24 -15.08
N ASN B 166 -14.79 22.64 -15.48
CA ASN B 166 -14.82 21.54 -16.43
C ASN B 166 -15.02 20.17 -15.75
N LEU B 167 -15.15 20.16 -14.44
CA LEU B 167 -15.35 18.91 -13.71
C LEU B 167 -16.13 19.10 -12.42
N GLN B 168 -17.13 18.27 -12.22
CA GLN B 168 -17.97 18.29 -11.03
C GLN B 168 -17.35 17.35 -10.00
N PRO B 169 -17.35 17.74 -8.71
CA PRO B 169 -16.75 16.85 -7.70
C PRO B 169 -17.31 15.42 -7.76
N ASP B 170 -18.60 15.26 -8.05
CA ASP B 170 -19.16 13.92 -8.08
C ASP B 170 -18.95 13.14 -9.40
N GLN B 171 -18.11 13.67 -10.28
CA GLN B 171 -17.81 12.94 -11.50
C GLN B 171 -16.48 12.24 -11.24
N ILE B 172 -15.77 12.71 -10.22
CA ILE B 172 -14.48 12.12 -9.83
C ILE B 172 -14.62 10.70 -9.31
N ASP B 173 -14.10 9.71 -10.04
CA ASP B 173 -14.17 8.34 -9.55
C ASP B 173 -12.78 7.66 -9.64
N GLU B 174 -12.69 6.39 -9.24
CA GLU B 174 -11.40 5.68 -9.25
C GLU B 174 -10.73 5.72 -10.61
N GLU B 175 -11.50 5.38 -11.63
CA GLU B 175 -11.01 5.38 -13.01
C GLU B 175 -10.36 6.71 -13.32
N MSE B 176 -11.05 7.79 -12.98
CA MSE B 176 -10.52 9.11 -13.25
C MSE B 176 -9.28 9.45 -12.45
O MSE B 176 -8.32 10.00 -12.99
CB MSE B 176 -11.59 10.18 -12.97
CG MSE B 176 -11.18 11.50 -13.57
SE MSE B 176 -12.49 12.88 -13.22
CE MSE B 176 -13.89 12.30 -14.44
N LEU B 177 -9.28 9.19 -11.15
CA LEU B 177 -8.07 9.49 -10.39
C LEU B 177 -6.95 8.59 -10.94
N ASN B 178 -7.26 7.35 -11.28
CA ASN B 178 -6.23 6.44 -11.80
C ASN B 178 -5.51 7.06 -13.02
N GLN B 179 -6.27 7.78 -13.86
CA GLN B 179 -5.67 8.44 -15.03
C GLN B 179 -4.80 9.65 -14.68
N HIS B 180 -4.73 10.01 -13.39
CA HIS B 180 -3.91 11.13 -13.01
C HIS B 180 -2.82 10.81 -12.01
N VAL B 181 -2.57 9.53 -11.75
CA VAL B 181 -1.48 9.17 -10.83
C VAL B 181 -0.34 8.67 -11.73
N CYS B 182 0.88 8.65 -11.21
CA CYS B 182 2.03 8.22 -12.02
C CYS B 182 1.87 6.85 -12.65
N MSE B 183 2.37 6.73 -13.90
CA MSE B 183 2.37 5.46 -14.64
C MSE B 183 1.03 4.89 -15.10
O MSE B 183 0.92 3.71 -15.40
CB MSE B 183 3.13 4.42 -13.82
CG MSE B 183 4.44 4.97 -13.32
SE MSE B 183 5.60 3.61 -12.61
CE MSE B 183 4.46 2.87 -11.28
N HIS B 184 0.01 5.73 -15.16
CA HIS B 184 -1.28 5.26 -15.57
C HIS B 184 -1.26 4.70 -16.99
N GLU B 185 -0.31 5.13 -17.81
CA GLU B 185 -0.26 4.61 -19.19
C GLU B 185 0.37 3.23 -19.31
N LEU B 186 0.96 2.74 -18.23
CA LEU B 186 1.63 1.46 -18.28
C LEU B 186 0.81 0.35 -17.69
N ALA B 187 1.29 -0.88 -17.86
CA ALA B 187 0.63 -2.05 -17.30
C ALA B 187 0.58 -1.83 -15.79
N PRO B 188 -0.46 -2.31 -15.12
CA PRO B 188 -0.59 -2.15 -13.67
C PRO B 188 0.59 -2.85 -12.99
N VAL B 189 1.06 -2.35 -11.87
CA VAL B 189 2.14 -3.03 -11.14
C VAL B 189 1.59 -4.39 -10.67
N ASP B 190 2.28 -5.46 -11.00
CA ASP B 190 1.90 -6.83 -10.72
C ASP B 190 2.69 -7.41 -9.54
N LEU B 191 3.89 -6.89 -9.35
CA LEU B 191 4.78 -7.44 -8.35
C LEU B 191 5.64 -6.37 -7.74
N VAL B 192 5.67 -6.31 -6.42
CA VAL B 192 6.55 -5.38 -5.73
C VAL B 192 7.53 -6.25 -4.96
N ILE B 193 8.82 -5.95 -5.10
CA ILE B 193 9.86 -6.69 -4.42
C ILE B 193 10.57 -5.71 -3.50
N ARG B 194 10.78 -6.08 -2.25
CA ARG B 194 11.58 -5.22 -1.40
C ARG B 194 12.73 -6.06 -0.85
N THR B 195 13.95 -5.61 -1.10
CA THR B 195 15.13 -6.34 -0.62
C THR B 195 15.59 -5.67 0.69
N GLY B 196 16.56 -6.27 1.37
CA GLY B 196 17.07 -5.65 2.58
C GLY B 196 16.43 -6.05 3.90
N GLY B 197 15.40 -6.87 3.86
CA GLY B 197 14.81 -7.32 5.10
C GLY B 197 13.61 -6.61 5.70
N GLU B 198 13.36 -5.34 5.37
CA GLU B 198 12.20 -4.64 5.96
C GLU B 198 10.92 -5.04 5.27
N HIS B 199 9.83 -5.09 6.04
CA HIS B 199 8.57 -5.52 5.49
C HIS B 199 7.58 -4.35 5.47
N ARG B 200 7.92 -3.31 4.72
CA ARG B 200 7.07 -2.12 4.63
C ARG B 200 7.18 -1.55 3.23
N ILE B 201 6.18 -0.77 2.85
CA ILE B 201 6.17 -0.11 1.55
C ILE B 201 6.90 1.23 1.64
N SER B 202 6.97 1.80 2.85
CA SER B 202 7.69 3.06 3.10
C SER B 202 7.30 4.19 2.15
N ASN B 203 6.00 4.30 1.90
CA ASN B 203 5.47 5.36 1.05
C ASN B 203 6.04 5.38 -0.37
N PHE B 204 6.30 4.18 -0.87
CA PHE B 204 6.68 4.03 -2.27
C PHE B 204 5.27 3.99 -2.87
N LEU B 205 5.04 3.24 -3.95
CA LEU B 205 3.72 3.20 -4.60
C LEU B 205 2.60 2.76 -3.63
N LEU B 206 1.44 3.42 -3.66
CA LEU B 206 0.32 3.04 -2.81
C LEU B 206 -0.90 2.76 -3.69
N TRP B 207 -1.39 3.79 -4.37
CA TRP B 207 -2.53 3.59 -5.25
C TRP B 207 -2.31 2.42 -6.23
N GLN B 208 -1.11 2.39 -6.80
CA GLN B 208 -0.73 1.41 -7.83
C GLN B 208 -0.56 -0.05 -7.40
N ILE B 209 -0.37 -0.28 -6.11
CA ILE B 209 -0.15 -1.64 -5.67
C ILE B 209 -1.34 -2.30 -5.01
N ALA B 210 -2.54 -1.75 -5.24
CA ALA B 210 -3.77 -2.33 -4.67
C ALA B 210 -3.90 -3.84 -4.90
N TYR B 211 -3.45 -4.32 -6.05
CA TYR B 211 -3.59 -5.74 -6.36
C TYR B 211 -2.28 -6.45 -6.67
N ALA B 212 -1.15 -5.86 -6.31
CA ALA B 212 0.13 -6.46 -6.61
C ALA B 212 0.58 -7.48 -5.62
N GLU B 213 1.33 -8.45 -6.11
CA GLU B 213 1.93 -9.47 -5.24
C GLU B 213 3.08 -8.70 -4.56
N LEU B 214 3.24 -8.89 -3.25
CA LEU B 214 4.30 -8.22 -2.47
C LEU B 214 5.29 -9.30 -2.05
N TYR B 215 6.55 -9.12 -2.47
CA TYR B 215 7.58 -10.11 -2.20
C TYR B 215 8.73 -9.51 -1.39
N PHE B 216 8.93 -10.01 -0.18
CA PHE B 216 9.94 -9.45 0.69
C PHE B 216 11.08 -10.42 0.83
N THR B 217 12.30 -9.93 0.61
CA THR B 217 13.46 -10.80 0.75
C THR B 217 14.54 -10.15 1.62
N ASP B 218 15.21 -10.98 2.42
CA ASP B 218 16.27 -10.48 3.31
C ASP B 218 17.54 -10.19 2.52
N VAL B 219 17.60 -10.70 1.30
CA VAL B 219 18.77 -10.49 0.45
C VAL B 219 19.06 -8.98 0.32
N LEU B 220 20.31 -8.56 0.53
CA LEU B 220 20.67 -7.16 0.42
C LEU B 220 20.75 -6.79 -1.06
N TRP B 221 20.37 -5.56 -1.39
CA TRP B 221 20.37 -5.18 -2.81
C TRP B 221 21.59 -5.54 -3.67
N PRO B 222 22.83 -5.26 -3.19
CA PRO B 222 23.98 -5.61 -4.04
C PRO B 222 24.07 -7.10 -4.42
N ASP B 223 23.50 -7.96 -3.57
CA ASP B 223 23.51 -9.42 -3.80
C ASP B 223 22.33 -9.93 -4.60
N PHE B 224 21.30 -9.10 -4.74
CA PHE B 224 20.07 -9.49 -5.42
C PHE B 224 20.38 -9.78 -6.88
N ASP B 225 20.29 -11.04 -7.29
CA ASP B 225 20.67 -11.39 -8.65
C ASP B 225 19.56 -12.03 -9.48
N GLU B 226 19.90 -12.62 -10.63
CA GLU B 226 18.86 -13.23 -11.44
C GLU B 226 18.10 -14.37 -10.76
N GLN B 227 18.76 -15.13 -9.90
CA GLN B 227 18.10 -16.21 -9.17
C GLN B 227 17.08 -15.60 -8.19
N ASP B 228 17.49 -14.52 -7.51
CA ASP B 228 16.62 -13.84 -6.58
C ASP B 228 15.42 -13.26 -7.30
N PHE B 229 15.66 -12.66 -8.45
CA PHE B 229 14.61 -12.04 -9.24
C PHE B 229 13.66 -13.15 -9.72
N GLU B 230 14.19 -14.28 -10.17
CA GLU B 230 13.33 -15.35 -10.63
C GLU B 230 12.50 -15.87 -9.48
N GLY B 231 13.07 -15.91 -8.27
CA GLY B 231 12.31 -16.36 -7.10
C GLY B 231 11.10 -15.47 -6.87
N ALA B 232 11.28 -14.18 -7.07
CA ALA B 232 10.15 -13.25 -6.89
C ALA B 232 9.12 -13.50 -7.97
N LEU B 233 9.56 -13.70 -9.21
CA LEU B 233 8.62 -13.98 -10.30
C LEU B 233 7.84 -15.26 -10.05
N ASN B 234 8.50 -16.25 -9.44
CA ASN B 234 7.81 -17.51 -9.13
C ASN B 234 6.71 -17.30 -8.07
N ALA B 235 6.94 -16.40 -7.12
CA ALA B 235 5.93 -16.12 -6.10
C ALA B 235 4.69 -15.55 -6.81
N PHE B 236 4.91 -14.70 -7.80
CA PHE B 236 3.80 -14.14 -8.56
C PHE B 236 3.09 -15.28 -9.29
N ALA B 237 3.88 -16.10 -10.00
CA ALA B 237 3.35 -17.22 -10.79
C ALA B 237 2.47 -18.17 -9.97
N ASN B 238 2.82 -18.35 -8.70
CA ASN B 238 2.04 -19.21 -7.83
C ASN B 238 0.73 -18.56 -7.42
O1 EGC C . -18.89 -7.99 14.08
C2 EGC C . -19.39 -9.29 13.83
C3 EGC C . -19.58 -9.51 12.34
O4 EGC C . -18.53 -10.34 11.84
C5 EGC C . -18.59 -10.46 10.42
C6 EGC C . -17.45 -9.66 9.76
O7 EGC C . -17.47 -9.84 8.34
C8 EGC C . -18.71 -9.40 7.75
C9 EGC C . -18.49 -8.07 7.02
O10 EGC C . -18.70 -8.25 5.61
C11 EGC C . -19.29 -7.10 5.00
C12 EGC C . -20.64 -7.47 4.37
#